data_2PBF
#
_entry.id   2PBF
#
_cell.length_a   75.156
_cell.length_b   75.156
_cell.length_c   77.389
_cell.angle_alpha   90.00
_cell.angle_beta   90.00
_cell.angle_gamma   120.00
#
_symmetry.space_group_name_H-M   'P 32'
#
loop_
_entity.id
_entity.type
_entity.pdbx_description
1 polymer 'Protein-L-isoaspartate O-methyltransferase beta-aspartate methyltransferase'
2 non-polymer S-ADENOSYL-L-HOMOCYSTEINE
3 water water
#
_entity_poly.entity_id   1
_entity_poly.type   'polypeptide(L)'
_entity_poly.pdbx_seq_one_letter_code
;GNNMYKLSENNHKSLLENLKRRGIIDDDDVYNTMLQVDRGKYIKEIPYIDTPVYISHGVTISAPHMHALSLKRLINVLKP
GSRAIDVGSGSGYLTVCMAIKMNVLENKNSYVIGLERVKDLVNFSLENIKRDKPELLKIDNFKIIHKNIYQVNEEEKKEL
GLFDAIHVGASASELPEILVDLLAENGKLIIPIEEDYTQVLYEITKKNGKIIKDRLFDVCFVSLKKN
;
_entity_poly.pdbx_strand_id   A,B
#
# COMPACT_ATOMS: atom_id res chain seq x y z
N GLU A 9 -2.03 23.66 -0.70
CA GLU A 9 -3.49 23.99 -0.81
C GLU A 9 -4.47 22.81 -0.62
N ASN A 10 -3.95 21.61 -0.37
CA ASN A 10 -4.77 20.38 -0.14
C ASN A 10 -5.74 20.44 1.02
N ASN A 11 -6.99 20.11 0.73
CA ASN A 11 -8.04 20.15 1.73
C ASN A 11 -8.94 18.93 1.60
N HIS A 12 -9.68 18.62 2.66
CA HIS A 12 -10.52 17.42 2.65
C HIS A 12 -11.59 17.38 1.56
N LYS A 13 -12.26 18.50 1.35
CA LYS A 13 -13.37 18.56 0.42
C LYS A 13 -12.90 18.40 -1.05
N SER A 14 -11.75 18.99 -1.36
CA SER A 14 -11.17 18.87 -2.68
C SER A 14 -10.68 17.45 -2.94
N LEU A 15 -10.22 16.77 -1.91
CA LEU A 15 -9.93 15.34 -2.02
C LEU A 15 -11.16 14.56 -2.49
N LEU A 16 -12.30 14.84 -1.87
CA LEU A 16 -13.53 14.14 -2.14
C LEU A 16 -14.09 14.42 -3.54
N GLU A 17 -13.93 15.66 -3.95
CA GLU A 17 -14.20 16.08 -5.32
C GLU A 17 -13.31 15.41 -6.35
N ASN A 18 -12.05 15.14 -6.01
CA ASN A 18 -11.12 14.41 -6.89
C ASN A 18 -11.52 12.95 -7.09
N LEU A 19 -11.91 12.27 -6.00
CA LEU A 19 -12.48 10.92 -6.07
C LEU A 19 -13.78 10.84 -6.89
N LYS A 20 -14.64 11.86 -6.77
CA LYS A 20 -15.83 11.95 -7.61
C LYS A 20 -15.50 12.07 -9.09
N ARG A 21 -14.64 13.04 -9.44
CA ARG A 21 -14.15 13.20 -10.83
C ARG A 21 -13.57 11.90 -11.38
N ARG A 22 -12.89 11.15 -10.52
CA ARG A 22 -12.29 9.90 -10.95
C ARG A 22 -13.29 8.77 -10.89
N GLY A 23 -14.51 9.06 -10.43
CA GLY A 23 -15.58 8.07 -10.37
C GLY A 23 -15.42 7.04 -9.28
N ILE A 24 -14.59 7.36 -8.27
CA ILE A 24 -14.34 6.51 -7.11
C ILE A 24 -15.50 6.69 -6.12
N ILE A 25 -15.93 7.93 -5.97
CA ILE A 25 -17.19 8.25 -5.32
C ILE A 25 -18.23 8.47 -6.40
N ASP A 26 -19.28 7.63 -6.40
CA ASP A 26 -20.47 7.74 -7.27
C ASP A 26 -21.77 7.60 -6.43
N ASP A 27 -21.81 8.28 -5.29
CA ASP A 27 -22.89 8.15 -4.35
C ASP A 27 -22.85 9.38 -3.45
N ASP A 28 -24.00 10.02 -3.29
CA ASP A 28 -24.12 11.23 -2.50
C ASP A 28 -23.93 10.95 -1.01
N ASP A 29 -24.41 9.78 -0.57
CA ASP A 29 -24.34 9.36 0.83
C ASP A 29 -22.91 8.98 1.21
N VAL A 30 -22.18 8.40 0.28
CA VAL A 30 -20.75 8.14 0.48
C VAL A 30 -20.05 9.49 0.62
N TYR A 31 -20.38 10.41 -0.29
CA TYR A 31 -19.78 11.75 -0.29
C TYR A 31 -20.09 12.48 0.99
N ASN A 32 -21.38 12.63 1.32
CA ASN A 32 -21.78 13.41 2.52
C ASN A 32 -21.22 12.84 3.81
N THR A 33 -21.17 11.51 3.91
CA THR A 33 -20.56 10.86 5.08
C THR A 33 -19.08 11.21 5.21
N MET A 34 -18.30 10.93 4.17
CA MET A 34 -16.89 11.26 4.17
C MET A 34 -16.61 12.75 4.35
N LEU A 35 -17.46 13.59 3.76
CA LEU A 35 -17.36 15.05 3.95
C LEU A 35 -17.43 15.42 5.44
N GLN A 36 -18.25 14.70 6.19
CA GLN A 36 -18.38 14.90 7.62
C GLN A 36 -17.19 14.42 8.45
N VAL A 37 -16.29 13.64 7.83
CA VAL A 37 -15.13 13.09 8.51
C VAL A 37 -13.80 13.49 7.81
N ASP A 38 -13.18 14.57 8.30
CA ASP A 38 -11.97 15.10 7.74
C ASP A 38 -10.76 14.18 8.00
N ARG A 39 -10.16 13.70 6.91
CA ARG A 39 -9.04 12.74 6.95
C ARG A 39 -7.83 13.25 7.74
N GLY A 40 -7.58 14.56 7.66
CA GLY A 40 -6.51 15.24 8.42
C GLY A 40 -6.62 15.17 9.94
N LYS A 41 -7.81 14.84 10.43
CA LYS A 41 -8.00 14.61 11.87
C LYS A 41 -7.65 13.16 12.25
N TYR A 42 -7.36 12.34 11.24
CA TYR A 42 -7.11 10.91 11.39
C TYR A 42 -5.71 10.45 10.99
N ILE A 43 -5.04 11.30 10.24
CA ILE A 43 -3.62 11.13 9.90
C ILE A 43 -2.98 12.50 9.71
N LYS A 44 -1.79 12.66 10.27
CA LYS A 44 -1.04 13.92 10.15
C LYS A 44 -0.28 14.09 8.82
N GLU A 45 0.46 13.07 8.39
CA GLU A 45 1.27 13.20 7.17
C GLU A 45 0.42 13.10 5.91
N ILE A 46 0.72 13.96 4.95
CA ILE A 46 0.00 14.08 3.66
C ILE A 46 -1.44 13.55 3.75
N PRO A 47 -2.25 14.16 4.63
CA PRO A 47 -3.57 13.59 4.88
C PRO A 47 -4.54 13.54 3.68
N TYR A 48 -4.30 14.30 2.61
CA TYR A 48 -5.29 14.35 1.51
C TYR A 48 -4.84 13.74 0.20
N ILE A 49 -3.69 13.11 0.22
CA ILE A 49 -3.23 12.42 -0.96
C ILE A 49 -3.87 11.03 -1.00
N ASP A 50 -4.28 10.64 -2.20
CA ASP A 50 -4.95 9.37 -2.37
C ASP A 50 -3.98 8.18 -2.40
N THR A 51 -3.55 7.78 -1.21
CA THR A 51 -2.56 6.75 -1.00
C THR A 51 -2.68 6.33 0.46
N PRO A 52 -2.24 5.09 0.83
CA PRO A 52 -2.18 4.75 2.23
C PRO A 52 -1.06 5.52 2.91
N VAL A 53 -1.19 5.79 4.20
CA VAL A 53 -0.21 6.61 4.91
C VAL A 53 0.12 5.89 6.21
N TYR A 54 1.41 5.60 6.39
CA TYR A 54 1.89 4.85 7.53
C TYR A 54 1.57 5.48 8.89
N ILE A 55 1.12 4.65 9.83
CA ILE A 55 0.89 5.10 11.20
C ILE A 55 2.01 4.60 12.12
N SER A 56 2.08 3.29 12.31
CA SER A 56 2.92 2.66 13.32
C SER A 56 2.61 1.17 13.25
N HIS A 57 3.44 0.34 13.88
CA HIS A 57 3.20 -1.12 13.99
C HIS A 57 2.91 -1.88 12.69
N GLY A 58 3.52 -1.42 11.59
CA GLY A 58 3.37 -2.10 10.32
C GLY A 58 2.04 -1.80 9.65
N VAL A 59 1.37 -0.73 10.10
CA VAL A 59 0.06 -0.42 9.55
C VAL A 59 -0.15 0.99 9.01
N THR A 60 -0.96 1.06 7.97
CA THR A 60 -1.32 2.29 7.32
C THR A 60 -2.81 2.59 7.53
N ILE A 61 -3.16 3.86 7.53
CA ILE A 61 -4.53 4.27 7.28
C ILE A 61 -4.71 4.00 5.79
N SER A 62 -5.83 3.41 5.40
CA SER A 62 -6.05 3.07 3.99
C SER A 62 -6.11 4.32 3.07
N ALA A 63 -5.84 4.09 1.78
CA ALA A 63 -6.04 5.12 0.79
C ALA A 63 -7.50 5.54 0.82
N PRO A 64 -7.74 6.86 0.69
CA PRO A 64 -9.11 7.33 0.59
C PRO A 64 -10.00 6.54 -0.40
N HIS A 65 -9.46 6.05 -1.52
CA HIS A 65 -10.30 5.32 -2.49
C HIS A 65 -10.76 3.99 -1.90
N MET A 66 -9.96 3.42 -0.99
CA MET A 66 -10.33 2.18 -0.35
C MET A 66 -11.40 2.37 0.70
N HIS A 67 -11.31 3.47 1.46
CA HIS A 67 -12.40 3.84 2.37
C HIS A 67 -13.66 4.10 1.56
N ALA A 68 -13.52 4.87 0.48
CA ALA A 68 -14.69 5.26 -0.32
C ALA A 68 -15.39 4.03 -0.90
N LEU A 69 -14.60 3.11 -1.45
CA LEU A 69 -15.12 1.92 -2.08
C LEU A 69 -15.82 1.00 -1.07
N SER A 70 -15.21 0.79 0.09
CA SER A 70 -15.81 -0.04 1.12
C SER A 70 -17.09 0.58 1.66
N LEU A 71 -17.08 1.89 1.83
CA LEU A 71 -18.21 2.61 2.34
C LEU A 71 -19.37 2.54 1.35
N LYS A 72 -19.04 2.61 0.05
CA LYS A 72 -20.02 2.45 -1.02
C LYS A 72 -20.72 1.10 -0.93
N ARG A 73 -19.95 0.03 -0.74
CA ARG A 73 -20.51 -1.33 -0.72
C ARG A 73 -21.43 -1.52 0.46
N LEU A 74 -21.16 -0.78 1.53
CA LEU A 74 -21.91 -0.93 2.77
C LEU A 74 -22.98 0.14 2.94
N ILE A 75 -23.09 1.05 1.98
CA ILE A 75 -23.87 2.27 2.17
C ILE A 75 -25.32 2.03 2.60
N ASN A 76 -25.94 0.99 2.06
CA ASN A 76 -27.36 0.72 2.31
C ASN A 76 -27.62 -0.14 3.54
N VAL A 77 -26.57 -0.77 4.10
CA VAL A 77 -26.73 -1.53 5.34
C VAL A 77 -26.25 -0.70 6.54
N LEU A 78 -25.50 0.37 6.24
CA LEU A 78 -25.14 1.33 7.29
C LEU A 78 -26.35 2.23 7.54
N LYS A 79 -27.38 1.68 8.16
CA LYS A 79 -28.62 2.43 8.38
C LYS A 79 -28.83 2.82 9.85
N PRO A 80 -29.39 4.00 10.10
CA PRO A 80 -29.66 4.26 11.52
C PRO A 80 -30.58 3.15 12.07
N GLY A 81 -30.29 2.66 13.27
CA GLY A 81 -31.10 1.61 13.82
C GLY A 81 -30.41 0.30 13.69
N SER A 82 -29.34 0.28 12.89
CA SER A 82 -28.61 -0.96 12.64
C SER A 82 -27.34 -1.10 13.45
N ARG A 83 -26.69 -2.24 13.29
CA ARG A 83 -25.46 -2.58 14.01
C ARG A 83 -24.33 -2.87 13.01
N ALA A 84 -23.22 -2.18 13.18
CA ALA A 84 -22.03 -2.29 12.31
C ALA A 84 -20.79 -2.61 13.16
N ILE A 85 -19.85 -3.35 12.58
CA ILE A 85 -18.57 -3.63 13.22
C ILE A 85 -17.46 -3.38 12.20
N ASP A 86 -16.43 -2.67 12.66
CA ASP A 86 -15.27 -2.36 11.83
C ASP A 86 -14.15 -3.18 12.40
N VAL A 87 -13.77 -4.20 11.63
CA VAL A 87 -12.73 -5.11 12.07
C VAL A 87 -11.38 -4.63 11.55
N GLY A 88 -10.52 -4.18 12.46
CA GLY A 88 -9.21 -3.62 12.11
C GLY A 88 -9.39 -2.13 11.97
N SER A 89 -9.89 -1.52 13.05
CA SER A 89 -10.39 -0.15 12.94
C SER A 89 -9.26 0.87 12.70
N GLY A 90 -8.04 0.53 13.12
CA GLY A 90 -6.85 1.28 12.74
C GLY A 90 -6.84 2.71 13.22
N SER A 91 -6.83 3.66 12.28
CA SER A 91 -6.96 5.08 12.58
C SER A 91 -8.34 5.47 13.14
N GLY A 92 -9.31 4.55 13.04
CA GLY A 92 -10.73 4.79 13.39
C GLY A 92 -11.48 5.59 12.32
N TYR A 93 -10.82 5.85 11.20
CA TYR A 93 -11.43 6.70 10.14
C TYR A 93 -12.79 6.14 9.70
N LEU A 94 -12.77 4.87 9.33
CA LEU A 94 -13.97 4.24 8.80
C LEU A 94 -15.03 3.99 9.88
N THR A 95 -14.59 3.75 11.12
CA THR A 95 -15.50 3.57 12.24
C THR A 95 -16.35 4.81 12.50
N VAL A 96 -15.71 5.97 12.51
CA VAL A 96 -16.40 7.27 12.60
C VAL A 96 -17.35 7.49 11.40
N CYS A 97 -16.90 7.14 10.20
CA CYS A 97 -17.78 7.17 9.03
C CYS A 97 -19.04 6.35 9.32
N MET A 98 -18.89 5.15 9.86
CA MET A 98 -20.07 4.36 10.22
C MET A 98 -20.96 5.01 11.29
N ALA A 99 -20.35 5.55 12.36
CA ALA A 99 -21.07 6.29 13.40
C ALA A 99 -21.89 7.45 12.84
N ILE A 100 -21.33 8.13 11.84
CA ILE A 100 -21.97 9.28 11.21
C ILE A 100 -23.15 8.86 10.37
N LYS A 101 -22.94 7.88 9.51
CA LYS A 101 -23.98 7.42 8.61
C LYS A 101 -25.17 6.82 9.36
N MET A 102 -24.87 6.20 10.49
CA MET A 102 -25.88 5.51 11.28
C MET A 102 -26.43 6.38 12.43
N ASN A 103 -25.91 7.59 12.57
CA ASN A 103 -26.38 8.53 13.56
C ASN A 103 -26.42 7.96 14.96
N VAL A 104 -25.33 7.34 15.38
CA VAL A 104 -25.22 6.80 16.74
C VAL A 104 -25.48 7.88 17.81
N LEU A 105 -25.27 9.14 17.44
CA LEU A 105 -25.45 10.25 18.41
C LEU A 105 -26.92 10.52 18.76
N GLU A 106 -27.80 10.45 17.76
CA GLU A 106 -29.24 10.67 17.95
C GLU A 106 -30.04 9.36 18.07
N ASN A 107 -29.58 8.32 17.39
CA ASN A 107 -30.29 7.04 17.37
C ASN A 107 -29.66 6.00 18.34
N LYS A 108 -30.39 5.70 19.41
CA LYS A 108 -29.89 4.84 20.48
C LYS A 108 -29.88 3.38 20.08
N ASN A 109 -30.61 3.05 19.02
CA ASN A 109 -30.62 1.68 18.50
C ASN A 109 -29.47 1.42 17.55
N SER A 110 -28.93 2.47 16.97
CA SER A 110 -27.71 2.37 16.15
C SER A 110 -26.58 1.90 17.04
N TYR A 111 -25.75 1.00 16.51
CA TYR A 111 -24.61 0.57 17.24
C TYR A 111 -23.37 0.42 16.32
N VAL A 112 -22.25 1.00 16.75
CA VAL A 112 -20.99 0.86 16.00
C VAL A 112 -19.83 0.46 16.91
N ILE A 113 -19.10 -0.59 16.51
CA ILE A 113 -17.95 -1.03 17.30
C ILE A 113 -16.73 -1.20 16.39
N GLY A 114 -15.58 -0.66 16.82
CA GLY A 114 -14.31 -0.92 16.15
C GLY A 114 -13.49 -1.90 16.95
N LEU A 115 -12.97 -2.94 16.31
CA LEU A 115 -12.01 -3.84 16.95
C LEU A 115 -10.64 -3.63 16.36
N GLU A 116 -9.65 -3.47 17.23
CA GLU A 116 -8.28 -3.25 16.80
C GLU A 116 -7.30 -4.10 17.66
N ARG A 117 -6.49 -4.92 16.98
CA ARG A 117 -5.60 -5.85 17.68
C ARG A 117 -4.44 -5.16 18.37
N VAL A 118 -4.03 -4.00 17.84
CA VAL A 118 -2.86 -3.27 18.34
C VAL A 118 -3.27 -2.10 19.21
N LYS A 119 -2.73 -2.08 20.43
CA LYS A 119 -3.16 -1.19 21.48
C LYS A 119 -2.79 0.26 21.17
N ASP A 120 -1.59 0.46 20.63
CA ASP A 120 -1.17 1.77 20.18
C ASP A 120 -2.10 2.34 19.14
N LEU A 121 -2.64 1.48 18.29
CA LEU A 121 -3.61 1.92 17.30
C LEU A 121 -4.98 2.20 17.90
N VAL A 122 -5.43 1.36 18.83
CA VAL A 122 -6.57 1.73 19.71
C VAL A 122 -6.36 3.16 20.25
N ASN A 123 -5.27 3.39 20.98
CA ASN A 123 -5.04 4.71 21.54
C ASN A 123 -4.90 5.81 20.49
N PHE A 124 -4.32 5.48 19.34
CA PHE A 124 -4.19 6.42 18.22
C PHE A 124 -5.57 6.86 17.72
N SER A 125 -6.44 5.87 17.48
CA SER A 125 -7.80 6.15 16.99
C SER A 125 -8.60 6.95 18.03
N LEU A 126 -8.45 6.60 19.31
CA LEU A 126 -9.22 7.28 20.38
C LEU A 126 -8.80 8.75 20.50
N GLU A 127 -7.53 9.03 20.22
CA GLU A 127 -7.02 10.40 20.23
C GLU A 127 -7.54 11.22 19.04
N ASN A 128 -7.61 10.56 17.89
CA ASN A 128 -8.15 11.14 16.67
C ASN A 128 -9.59 11.53 16.88
N ILE A 129 -10.35 10.66 17.54
CA ILE A 129 -11.79 10.88 17.73
C ILE A 129 -12.05 11.98 18.75
N LYS A 130 -11.27 12.00 19.82
CA LYS A 130 -11.29 13.11 20.77
C LYS A 130 -11.13 14.46 20.06
N ARG A 131 -10.14 14.60 19.18
CA ARG A 131 -9.91 15.89 18.50
C ARG A 131 -10.95 16.20 17.44
N ASP A 132 -11.54 15.16 16.84
CA ASP A 132 -12.53 15.35 15.80
C ASP A 132 -13.95 15.48 16.34
N LYS A 133 -14.42 14.45 17.04
CA LYS A 133 -15.80 14.34 17.50
C LYS A 133 -15.82 13.74 18.91
N PRO A 134 -15.44 14.53 19.94
CA PRO A 134 -15.29 13.98 21.29
C PRO A 134 -16.60 13.43 21.84
N GLU A 135 -17.71 13.86 21.24
CA GLU A 135 -19.04 13.41 21.66
C GLU A 135 -19.22 11.89 21.49
N LEU A 136 -18.51 11.31 20.52
CA LEU A 136 -18.51 9.87 20.26
C LEU A 136 -17.96 9.01 21.40
N LEU A 137 -17.12 9.54 22.27
CA LEU A 137 -16.60 8.66 23.33
C LEU A 137 -17.29 8.92 24.66
N LYS A 138 -18.45 9.57 24.58
CA LYS A 138 -19.33 9.77 25.72
C LYS A 138 -20.56 8.86 25.64
N ILE A 139 -20.73 8.13 24.53
CA ILE A 139 -21.95 7.39 24.34
C ILE A 139 -21.81 5.88 24.50
N ASP A 140 -22.93 5.20 24.70
CA ASP A 140 -22.93 3.76 24.96
C ASP A 140 -22.85 2.96 23.67
N ASN A 141 -23.29 3.56 22.56
CA ASN A 141 -23.44 2.84 21.32
C ASN A 141 -22.35 3.11 20.25
N PHE A 142 -21.20 3.59 20.69
CA PHE A 142 -20.00 3.67 19.86
C PHE A 142 -18.83 3.27 20.74
N LYS A 143 -17.99 2.35 20.26
CA LYS A 143 -16.79 1.97 20.99
C LYS A 143 -15.66 1.52 20.07
N ILE A 144 -14.43 1.76 20.51
CA ILE A 144 -13.22 1.17 19.93
C ILE A 144 -12.60 0.29 20.99
N ILE A 145 -12.54 -1.01 20.70
CA ILE A 145 -12.06 -2.05 21.59
C ILE A 145 -10.68 -2.56 21.15
N HIS A 146 -9.77 -2.77 22.11
CA HIS A 146 -8.54 -3.52 21.88
C HIS A 146 -8.81 -5.02 21.83
N LYS A 147 -8.84 -5.59 20.64
CA LYS A 147 -9.25 -6.98 20.45
C LYS A 147 -8.84 -7.54 19.10
N ASN A 148 -8.36 -8.77 19.13
CA ASN A 148 -8.14 -9.55 17.92
C ASN A 148 -9.41 -10.35 17.63
N ILE A 149 -9.88 -10.26 16.39
CA ILE A 149 -11.15 -10.87 15.99
C ILE A 149 -11.11 -12.40 16.15
N TYR A 150 -9.89 -12.95 16.09
CA TYR A 150 -9.64 -14.40 16.15
C TYR A 150 -9.59 -14.90 17.59
N GLN A 151 -9.68 -13.98 18.55
CA GLN A 151 -9.64 -14.33 19.97
C GLN A 151 -10.96 -14.02 20.67
N VAL A 152 -12.05 -14.16 19.93
CA VAL A 152 -13.38 -13.88 20.42
C VAL A 152 -14.07 -15.23 20.69
N ASN A 153 -14.13 -15.59 21.98
CA ASN A 153 -14.73 -16.85 22.42
C ASN A 153 -16.25 -16.88 22.32
N GLU A 154 -16.83 -18.03 22.66
CA GLU A 154 -18.28 -18.24 22.58
C GLU A 154 -19.09 -17.22 23.36
N GLU A 155 -18.59 -16.86 24.54
CA GLU A 155 -19.28 -15.92 25.44
C GLU A 155 -19.39 -14.54 24.82
N GLU A 156 -18.25 -13.93 24.50
CA GLU A 156 -18.24 -12.64 23.83
C GLU A 156 -18.90 -12.69 22.47
N LYS A 157 -18.74 -13.80 21.76
CA LYS A 157 -19.44 -14.01 20.48
C LYS A 157 -20.95 -13.84 20.61
N LYS A 158 -21.54 -14.52 21.61
CA LYS A 158 -22.97 -14.42 21.90
C LYS A 158 -23.31 -12.97 22.28
N GLU A 159 -22.46 -12.38 23.11
CA GLU A 159 -22.63 -11.04 23.64
C GLU A 159 -22.61 -9.94 22.58
N LEU A 160 -21.78 -10.11 21.54
CA LEU A 160 -21.70 -9.13 20.46
C LEU A 160 -22.99 -9.06 19.66
N GLY A 161 -23.72 -10.17 19.59
CA GLY A 161 -24.89 -10.22 18.73
C GLY A 161 -24.58 -10.29 17.25
N LEU A 162 -25.52 -9.78 16.46
CA LEU A 162 -25.50 -9.86 15.01
C LEU A 162 -25.37 -8.47 14.40
N PHE A 163 -24.74 -8.42 13.22
CA PHE A 163 -24.40 -7.14 12.60
C PHE A 163 -24.91 -7.00 11.18
N ASP A 164 -25.53 -5.88 10.91
CA ASP A 164 -26.05 -5.61 9.58
C ASP A 164 -24.92 -5.26 8.61
N ALA A 165 -23.80 -4.77 9.14
CA ALA A 165 -22.64 -4.39 8.34
C ALA A 165 -21.36 -4.77 9.03
N ILE A 166 -20.51 -5.52 8.31
CA ILE A 166 -19.21 -5.90 8.82
C ILE A 166 -18.13 -5.47 7.85
N HIS A 167 -17.25 -4.60 8.29
CA HIS A 167 -16.17 -4.18 7.44
C HIS A 167 -14.90 -4.74 8.03
N VAL A 168 -14.07 -5.32 7.18
CA VAL A 168 -12.83 -5.84 7.65
C VAL A 168 -11.74 -5.15 6.84
N GLY A 169 -10.85 -4.43 7.53
CA GLY A 169 -9.88 -3.57 6.86
C GLY A 169 -8.49 -4.20 6.73
N ALA A 170 -8.45 -5.53 6.81
CA ALA A 170 -7.22 -6.29 6.73
C ALA A 170 -7.55 -7.61 6.05
N SER A 171 -6.55 -8.12 5.31
CA SER A 171 -6.71 -9.30 4.48
C SER A 171 -6.56 -10.61 5.26
N ALA A 172 -7.44 -11.55 4.96
CA ALA A 172 -7.51 -12.81 5.68
C ALA A 172 -7.01 -13.92 4.78
N SER A 173 -6.23 -14.84 5.35
CA SER A 173 -5.80 -16.06 4.65
C SER A 173 -7.00 -16.87 4.15
N GLU A 174 -8.09 -16.81 4.92
CA GLU A 174 -9.38 -17.41 4.53
C GLU A 174 -10.52 -16.74 5.32
N LEU A 175 -11.75 -16.92 4.85
CA LEU A 175 -12.97 -16.30 5.41
C LEU A 175 -13.22 -16.73 6.84
N PRO A 176 -13.00 -15.83 7.81
CA PRO A 176 -13.12 -16.33 9.18
C PRO A 176 -14.59 -16.61 9.51
N GLU A 177 -14.84 -17.80 10.04
CA GLU A 177 -16.21 -18.27 10.27
C GLU A 177 -16.97 -17.46 11.33
N ILE A 178 -16.25 -16.96 12.34
CA ILE A 178 -16.81 -15.97 13.27
C ILE A 178 -17.50 -14.79 12.57
N LEU A 179 -16.83 -14.22 11.56
CA LEU A 179 -17.43 -13.10 10.85
C LEU A 179 -18.71 -13.55 10.17
N VAL A 180 -18.72 -14.78 9.65
CA VAL A 180 -19.96 -15.38 9.11
C VAL A 180 -21.02 -15.54 10.19
N ASP A 181 -20.62 -15.89 11.40
CA ASP A 181 -21.59 -16.06 12.50
C ASP A 181 -22.07 -14.75 13.09
N LEU A 182 -21.27 -13.71 12.95
CA LEU A 182 -21.60 -12.40 13.50
C LEU A 182 -22.56 -11.67 12.58
N LEU A 183 -22.75 -12.23 11.39
CA LEU A 183 -23.51 -11.59 10.34
C LEU A 183 -25.02 -11.81 10.49
N ALA A 184 -25.78 -10.72 10.45
CA ALA A 184 -27.24 -10.77 10.49
C ALA A 184 -27.88 -11.13 9.15
N GLU A 185 -29.12 -11.60 9.22
CA GLU A 185 -29.90 -11.83 8.01
C GLU A 185 -29.92 -10.53 7.20
N ASN A 186 -29.62 -10.65 5.91
CA ASN A 186 -29.57 -9.50 4.99
C ASN A 186 -28.36 -8.58 5.18
N GLY A 187 -27.52 -8.89 6.16
CA GLY A 187 -26.31 -8.11 6.41
C GLY A 187 -25.30 -8.32 5.30
N LYS A 188 -24.42 -7.32 5.11
CA LYS A 188 -23.25 -7.42 4.23
C LYS A 188 -21.91 -7.38 4.97
N LEU A 189 -20.99 -8.23 4.52
CA LEU A 189 -19.61 -8.30 5.03
C LEU A 189 -18.70 -8.03 3.84
N ILE A 190 -17.83 -7.06 4.01
CA ILE A 190 -16.81 -6.66 3.03
C ILE A 190 -15.45 -7.06 3.60
N ILE A 191 -14.73 -7.91 2.87
CA ILE A 191 -13.51 -8.45 3.40
C ILE A 191 -12.53 -8.85 2.30
N PRO A 192 -11.23 -8.49 2.45
CA PRO A 192 -10.25 -9.06 1.50
C PRO A 192 -9.86 -10.48 1.92
N ILE A 193 -9.87 -11.42 0.98
CA ILE A 193 -9.38 -12.79 1.23
C ILE A 193 -8.26 -13.16 0.24
N GLU A 194 -7.11 -13.62 0.76
CA GLU A 194 -6.03 -14.14 -0.09
C GLU A 194 -6.55 -15.30 -0.95
N GLU A 195 -6.60 -15.07 -2.24
CA GLU A 195 -7.02 -16.09 -3.17
C GLU A 195 -5.88 -16.27 -4.17
N ASP A 196 -5.14 -17.37 -3.98
CA ASP A 196 -3.92 -17.70 -4.72
C ASP A 196 -2.90 -16.57 -4.63
N TYR A 197 -2.78 -15.77 -5.69
CA TYR A 197 -1.71 -14.75 -5.79
C TYR A 197 -2.20 -13.33 -5.70
N THR A 198 -3.44 -13.15 -5.27
CA THR A 198 -3.97 -11.83 -5.00
C THR A 198 -4.71 -11.78 -3.66
N GLN A 199 -5.00 -10.56 -3.20
CA GLN A 199 -6.02 -10.38 -2.17
C GLN A 199 -7.27 -9.93 -2.92
N VAL A 200 -8.38 -10.61 -2.66
CA VAL A 200 -9.63 -10.37 -3.37
C VAL A 200 -10.70 -9.83 -2.42
N LEU A 201 -11.21 -8.65 -2.74
CA LEU A 201 -12.27 -8.06 -1.95
C LEU A 201 -13.58 -8.76 -2.23
N TYR A 202 -14.18 -9.32 -1.18
CA TYR A 202 -15.43 -10.07 -1.23
C TYR A 202 -16.57 -9.33 -0.55
N GLU A 203 -17.73 -9.37 -1.17
CA GLU A 203 -18.97 -8.99 -0.50
C GLU A 203 -19.81 -10.23 -0.19
N ILE A 204 -19.94 -10.51 1.10
CA ILE A 204 -20.68 -11.65 1.58
C ILE A 204 -22.01 -11.20 2.19
N THR A 205 -23.10 -11.85 1.77
CA THR A 205 -24.46 -11.54 2.25
C THR A 205 -25.11 -12.80 2.84
N LYS A 206 -26.06 -12.62 3.76
CA LYS A 206 -26.85 -13.74 4.29
C LYS A 206 -28.29 -13.60 3.80
N LYS A 207 -28.84 -14.67 3.22
CA LYS A 207 -30.24 -14.62 2.72
C LYS A 207 -31.14 -15.76 3.21
N ASN A 208 -30.53 -16.80 3.78
CA ASN A 208 -31.18 -17.55 4.85
C ASN A 208 -30.18 -17.77 5.97
N GLY A 209 -29.17 -18.61 5.73
CA GLY A 209 -28.15 -18.91 6.72
C GLY A 209 -26.77 -19.07 6.10
N ILE A 211 -25.52 -17.91 2.91
CA ILE A 211 -24.42 -16.99 2.59
C ILE A 211 -24.11 -16.99 1.10
N ILE A 212 -24.21 -15.82 0.47
CA ILE A 212 -23.81 -15.69 -0.94
C ILE A 212 -22.53 -14.86 -1.10
N LYS A 213 -21.51 -15.50 -1.69
CA LYS A 213 -20.17 -14.92 -1.78
C LYS A 213 -20.00 -14.24 -3.13
N ASP A 214 -19.54 -12.99 -3.11
CA ASP A 214 -19.48 -12.15 -4.30
C ASP A 214 -18.08 -11.59 -4.47
N ARG A 215 -17.39 -12.12 -5.48
CA ARG A 215 -15.99 -11.81 -5.75
C ARG A 215 -15.93 -10.46 -6.45
N LEU A 216 -15.34 -9.45 -5.80
CA LEU A 216 -15.40 -8.09 -6.36
C LEU A 216 -14.23 -7.80 -7.27
N PHE A 217 -13.08 -7.47 -6.70
CA PHE A 217 -11.85 -7.29 -7.47
C PHE A 217 -10.62 -7.39 -6.57
N ASP A 218 -9.44 -7.40 -7.19
CA ASP A 218 -8.19 -7.50 -6.49
C ASP A 218 -7.87 -6.21 -5.73
N VAL A 219 -7.30 -6.37 -4.53
CA VAL A 219 -7.02 -5.24 -3.65
C VAL A 219 -5.68 -5.46 -2.96
N CYS A 220 -5.21 -4.42 -2.27
CA CYS A 220 -3.99 -4.48 -1.46
C CYS A 220 -4.29 -3.96 -0.04
N PHE A 221 -4.28 -4.87 0.93
CA PHE A 221 -4.53 -4.56 2.31
C PHE A 221 -3.44 -5.11 3.20
N VAL A 222 -3.24 -4.51 4.36
CA VAL A 222 -2.41 -5.11 5.39
C VAL A 222 -3.08 -6.45 5.79
N SER A 223 -2.30 -7.36 6.36
CA SER A 223 -2.79 -8.69 6.75
C SER A 223 -3.63 -8.74 8.04
N LEU A 224 -4.70 -9.54 8.01
CA LEU A 224 -5.49 -9.83 9.23
C LEU A 224 -4.78 -10.93 10.03
N LYS A 225 -4.00 -10.51 11.03
CA LYS A 225 -3.10 -11.37 11.80
C LYS A 225 -3.82 -12.22 12.84
N LYS A 226 -3.55 -13.51 12.81
CA LYS A 226 -4.17 -14.48 13.71
C LYS A 226 -3.63 -14.49 15.13
N ASN A 227 -2.44 -13.96 15.32
CA ASN A 227 -1.95 -13.77 16.69
C ASN A 227 -1.40 -12.37 16.88
N GLU B 9 0.62 -23.70 -1.47
CA GLU B 9 1.27 -24.03 -2.79
C GLU B 9 1.87 -22.88 -3.62
N ASN B 10 1.88 -21.65 -3.07
CA ASN B 10 2.43 -20.45 -3.75
C ASN B 10 3.92 -20.52 -4.03
N ASN B 11 4.28 -20.24 -5.27
CA ASN B 11 5.68 -20.20 -5.64
C ASN B 11 5.96 -19.01 -6.57
N HIS B 12 7.25 -18.69 -6.73
CA HIS B 12 7.63 -17.49 -7.46
C HIS B 12 7.21 -17.47 -8.91
N LYS B 13 7.34 -18.61 -9.57
CA LYS B 13 7.12 -18.68 -11.01
C LYS B 13 5.62 -18.58 -11.34
N SER B 14 4.80 -19.20 -10.50
CA SER B 14 3.36 -19.10 -10.60
C SER B 14 2.88 -17.67 -10.34
N LEU B 15 3.53 -16.95 -9.44
CA LEU B 15 3.27 -15.53 -9.28
C LEU B 15 3.43 -14.80 -10.61
N LEU B 16 4.54 -15.08 -11.29
CA LEU B 16 4.89 -14.39 -12.51
C LEU B 16 3.95 -14.71 -13.68
N GLU B 17 3.53 -15.97 -13.74
CA GLU B 17 2.51 -16.41 -14.69
C GLU B 17 1.18 -15.75 -14.37
N ASN B 18 0.90 -15.52 -13.09
CA ASN B 18 -0.33 -14.83 -12.70
C ASN B 18 -0.33 -13.38 -13.18
N LEU B 19 0.78 -12.68 -13.00
CA LEU B 19 0.96 -11.31 -13.54
C LEU B 19 0.84 -11.25 -15.07
N LYS B 20 1.38 -12.28 -15.74
CA LYS B 20 1.28 -12.42 -17.20
C LYS B 20 -0.17 -12.54 -17.64
N ARG B 21 -0.93 -13.44 -17.00
CA ARG B 21 -2.35 -13.64 -17.31
C ARG B 21 -3.21 -12.40 -17.07
N ARG B 22 -2.81 -11.60 -16.08
CA ARG B 22 -3.49 -10.34 -15.83
C ARG B 22 -2.96 -9.23 -16.73
N GLY B 23 -1.94 -9.56 -17.52
CA GLY B 23 -1.35 -8.61 -18.47
C GLY B 23 -0.52 -7.53 -17.81
N ILE B 24 -0.11 -7.77 -16.55
CA ILE B 24 0.82 -6.90 -15.82
C ILE B 24 2.26 -7.11 -16.32
N ILE B 25 2.58 -8.36 -16.67
CA ILE B 25 3.77 -8.65 -17.45
C ILE B 25 3.34 -8.94 -18.89
N ASP B 26 3.85 -8.14 -19.83
CA ASP B 26 3.64 -8.31 -21.27
C ASP B 26 5.00 -8.19 -22.02
N ASP B 27 6.05 -8.75 -21.43
CA ASP B 27 7.40 -8.62 -21.94
C ASP B 27 8.22 -9.83 -21.47
N ASP B 28 8.99 -10.40 -22.40
CA ASP B 28 9.81 -11.58 -22.12
C ASP B 28 10.97 -11.24 -21.21
N ASP B 29 11.57 -10.08 -21.45
CA ASP B 29 12.75 -9.63 -20.71
C ASP B 29 12.37 -9.23 -19.28
N VAL B 30 11.18 -8.68 -19.11
CA VAL B 30 10.66 -8.39 -17.76
C VAL B 30 10.42 -9.71 -17.06
N TYR B 31 9.80 -10.66 -17.77
CA TYR B 31 9.52 -11.99 -17.22
C TYR B 31 10.78 -12.73 -16.80
N ASN B 32 11.77 -12.81 -17.71
CA ASN B 32 12.97 -13.61 -17.44
C ASN B 32 13.84 -13.03 -16.34
N THR B 33 13.89 -11.70 -16.28
CA THR B 33 14.61 -10.99 -15.21
C THR B 33 14.02 -11.31 -13.85
N MET B 34 12.71 -11.07 -13.70
CA MET B 34 11.99 -11.39 -12.47
C MET B 34 12.06 -12.88 -12.10
N LEU B 35 11.99 -13.76 -13.10
CA LEU B 35 12.12 -15.22 -12.89
C LEU B 35 13.44 -15.53 -12.19
N GLN B 36 14.47 -14.76 -12.51
CA GLN B 36 15.78 -14.98 -11.94
C GLN B 36 15.94 -14.47 -10.51
N VAL B 37 14.97 -13.69 -10.04
CA VAL B 37 15.02 -13.10 -8.70
C VAL B 37 13.77 -13.52 -7.88
N ASP B 38 13.94 -14.54 -7.04
CA ASP B 38 12.85 -15.08 -6.26
C ASP B 38 12.50 -14.11 -5.11
N ARG B 39 11.26 -13.62 -5.13
CA ARG B 39 10.72 -12.66 -4.16
C ARG B 39 10.77 -13.16 -2.72
N GLY B 40 10.59 -14.46 -2.57
CA GLY B 40 10.76 -15.15 -1.28
C GLY B 40 12.13 -15.01 -0.63
N LYS B 41 13.13 -14.67 -1.44
CA LYS B 41 14.46 -14.37 -0.91
C LYS B 41 14.56 -12.92 -0.40
N TYR B 42 13.52 -12.14 -0.66
CA TYR B 42 13.53 -10.72 -0.36
C TYR B 42 12.48 -10.26 0.67
N ILE B 43 11.55 -11.14 0.96
CA ILE B 43 10.56 -10.93 2.01
C ILE B 43 10.07 -12.28 2.54
N LYS B 44 9.95 -12.41 3.86
CA LYS B 44 9.50 -13.67 4.49
C LYS B 44 7.97 -13.89 4.47
N GLU B 45 7.23 -12.85 4.80
CA GLU B 45 5.79 -12.94 4.94
C GLU B 45 5.07 -12.91 3.56
N ILE B 46 4.13 -13.84 3.38
CA ILE B 46 3.39 -14.00 2.11
C ILE B 46 4.18 -13.50 0.88
N PRO B 47 5.35 -14.11 0.62
CA PRO B 47 6.20 -13.53 -0.41
C PRO B 47 5.62 -13.50 -1.84
N TYR B 48 4.58 -14.29 -2.12
CA TYR B 48 4.09 -14.39 -3.50
C TYR B 48 2.72 -13.79 -3.75
N ILE B 49 2.15 -13.13 -2.76
CA ILE B 49 0.89 -12.47 -2.98
C ILE B 49 1.13 -11.11 -3.62
N ASP B 50 0.31 -10.76 -4.59
CA ASP B 50 0.50 -9.49 -5.28
C ASP B 50 0.01 -8.30 -4.45
N THR B 51 0.84 -7.90 -3.50
CA THR B 51 0.52 -6.85 -2.54
C THR B 51 1.85 -6.37 -1.96
N PRO B 52 1.92 -5.12 -1.42
CA PRO B 52 3.12 -4.73 -0.69
C PRO B 52 3.16 -5.44 0.66
N VAL B 53 4.36 -5.69 1.19
CA VAL B 53 4.49 -6.48 2.40
C VAL B 53 5.46 -5.74 3.33
N TYR B 54 4.97 -5.46 4.54
CA TYR B 54 5.71 -4.66 5.50
C TYR B 54 7.07 -5.26 5.88
N ILE B 55 8.08 -4.40 5.95
CA ILE B 55 9.41 -4.81 6.42
C ILE B 55 9.66 -4.31 7.84
N SER B 56 9.80 -2.99 7.97
CA SER B 56 10.25 -2.31 9.18
C SER B 56 10.33 -0.82 8.81
N HIS B 57 10.45 0.05 9.80
CA HIS B 57 10.65 1.50 9.58
C HIS B 57 9.66 2.20 8.64
N GLY B 58 8.42 1.72 8.66
CA GLY B 58 7.36 2.37 7.89
C GLY B 58 7.48 2.07 6.41
N VAL B 59 8.22 1.02 6.07
CA VAL B 59 8.36 0.68 4.65
C VAL B 59 8.00 -0.76 4.26
N THR B 60 7.52 -0.88 3.03
CA THR B 60 7.12 -2.14 2.44
C THR B 60 8.01 -2.44 1.24
N ILE B 61 8.24 -3.72 0.99
CA ILE B 61 8.68 -4.18 -0.31
C ILE B 61 7.47 -3.95 -1.20
N SER B 62 7.65 -3.36 -2.36
CA SER B 62 6.51 -3.08 -3.22
C SER B 62 5.78 -4.35 -3.69
N ALA B 63 4.53 -4.15 -4.11
CA ALA B 63 3.75 -5.19 -4.77
C ALA B 63 4.49 -5.63 -6.02
N PRO B 64 4.51 -6.97 -6.28
CA PRO B 64 5.09 -7.47 -7.50
C PRO B 64 4.68 -6.71 -8.79
N HIS B 65 3.42 -6.27 -8.90
CA HIS B 65 2.97 -5.61 -10.12
C HIS B 65 3.62 -4.24 -10.28
N MET B 66 3.99 -3.62 -9.16
CA MET B 66 4.74 -2.35 -9.17
C MET B 66 6.18 -2.52 -9.59
N HIS B 67 6.84 -3.58 -9.10
CA HIS B 67 8.17 -3.95 -9.61
C HIS B 67 8.09 -4.24 -11.11
N ALA B 68 7.06 -5.01 -11.49
CA ALA B 68 6.93 -5.45 -12.89
C ALA B 68 6.72 -4.27 -13.83
N LEU B 69 5.88 -3.33 -13.40
CA LEU B 69 5.54 -2.17 -14.18
C LEU B 69 6.74 -1.23 -14.32
N SER B 70 7.41 -0.93 -13.21
CA SER B 70 8.59 -0.07 -13.27
C SER B 70 9.73 -0.69 -14.09
N LEU B 71 9.92 -2.00 -13.92
CA LEU B 71 10.90 -2.75 -14.70
C LEU B 71 10.57 -2.69 -16.21
N LYS B 72 9.30 -2.75 -16.55
CA LYS B 72 8.91 -2.67 -17.96
C LYS B 72 9.27 -1.32 -18.58
N ARG B 73 9.02 -0.24 -17.84
CA ARG B 73 9.35 1.10 -18.30
C ARG B 73 10.84 1.27 -18.54
N LEU B 74 11.64 0.56 -17.75
CA LEU B 74 13.08 0.69 -17.81
C LEU B 74 13.76 -0.41 -18.63
N ILE B 75 12.97 -1.33 -19.22
CA ILE B 75 13.51 -2.58 -19.76
C ILE B 75 14.62 -2.33 -20.80
N ASN B 76 14.44 -1.29 -21.59
CA ASN B 76 15.32 -1.02 -22.73
C ASN B 76 16.53 -0.16 -22.40
N VAL B 77 16.50 0.52 -21.26
CA VAL B 77 17.65 1.31 -20.81
C VAL B 77 18.48 0.52 -19.81
N LEU B 78 17.92 -0.59 -19.31
CA LEU B 78 18.67 -1.48 -18.44
C LEU B 78 19.48 -2.39 -19.32
N LYS B 79 20.51 -1.83 -19.94
CA LYS B 79 21.31 -2.56 -20.94
C LYS B 79 22.66 -2.98 -20.37
N PRO B 80 23.11 -4.20 -20.69
CA PRO B 80 24.50 -4.43 -20.29
C PRO B 80 25.43 -3.30 -20.79
N GLY B 81 26.31 -2.83 -19.94
CA GLY B 81 27.19 -1.75 -20.36
C GLY B 81 26.72 -0.42 -19.82
N SER B 82 25.47 -0.37 -19.38
CA SER B 82 24.89 0.89 -18.92
C SER B 82 24.99 1.11 -17.42
N ARG B 83 24.52 2.26 -16.95
CA ARG B 83 24.59 2.59 -15.52
C ARG B 83 23.18 2.81 -14.95
N ALA B 84 22.82 2.07 -13.91
CA ALA B 84 21.49 2.22 -13.26
C ALA B 84 21.62 2.59 -11.79
N ILE B 85 20.61 3.29 -11.28
CA ILE B 85 20.53 3.65 -9.86
C ILE B 85 19.11 3.40 -9.35
N ASP B 86 19.01 2.73 -8.21
CA ASP B 86 17.73 2.40 -7.60
C ASP B 86 17.63 3.26 -6.36
N VAL B 87 16.85 4.32 -6.45
CA VAL B 87 16.69 5.27 -5.36
C VAL B 87 15.60 4.75 -4.43
N GLY B 88 16.00 4.36 -3.23
CA GLY B 88 15.08 3.79 -2.23
C GLY B 88 15.09 2.31 -2.44
N SER B 89 16.28 1.71 -2.34
CA SER B 89 16.43 0.33 -2.77
C SER B 89 15.65 -0.66 -1.88
N GLY B 90 15.38 -0.28 -0.63
CA GLY B 90 14.48 -1.04 0.25
C GLY B 90 14.87 -2.49 0.47
N SER B 91 14.03 -3.43 0.01
CA SER B 91 14.36 -4.86 0.14
C SER B 91 15.59 -5.27 -0.69
N GLY B 92 15.97 -4.41 -1.64
CA GLY B 92 16.99 -4.72 -2.68
C GLY B 92 16.42 -5.45 -3.89
N TYR B 93 15.13 -5.76 -3.85
CA TYR B 93 14.53 -6.61 -4.89
C TYR B 93 14.79 -6.04 -6.31
N LEU B 94 14.41 -4.78 -6.51
CA LEU B 94 14.54 -4.18 -7.83
C LEU B 94 15.99 -3.98 -8.25
N THR B 95 16.86 -3.73 -7.26
CA THR B 95 18.28 -3.53 -7.52
C THR B 95 18.93 -4.77 -8.10
N VAL B 96 18.63 -5.91 -7.52
CA VAL B 96 19.07 -7.20 -8.04
C VAL B 96 18.49 -7.47 -9.45
N CYS B 97 17.24 -7.13 -9.67
CA CYS B 97 16.63 -7.23 -10.99
C CYS B 97 17.48 -6.43 -12.01
N MET B 98 17.88 -5.20 -11.66
CA MET B 98 18.78 -4.43 -12.52
C MET B 98 20.15 -5.10 -12.73
N ALA B 99 20.78 -5.56 -11.64
CA ALA B 99 22.05 -6.30 -11.70
C ALA B 99 22.02 -7.46 -12.69
N ILE B 100 20.94 -8.23 -12.66
CA ILE B 100 20.74 -9.38 -13.54
C ILE B 100 20.57 -8.96 -14.99
N LYS B 101 19.65 -8.03 -15.22
CA LYS B 101 19.33 -7.58 -16.56
C LYS B 101 20.54 -6.97 -17.27
N MET B 102 21.37 -6.27 -16.49
CA MET B 102 22.53 -5.60 -17.04
C MET B 102 23.81 -6.46 -16.94
N ASN B 103 23.69 -7.68 -16.40
CA ASN B 103 24.80 -8.60 -16.24
C ASN B 103 26.03 -7.99 -15.58
N VAL B 104 25.85 -7.31 -14.43
CA VAL B 104 26.98 -6.73 -13.71
C VAL B 104 28.08 -7.76 -13.44
N LEU B 105 27.68 -9.03 -13.35
CA LEU B 105 28.61 -10.13 -13.03
C LEU B 105 29.65 -10.39 -14.12
N GLU B 106 29.23 -10.33 -15.37
CA GLU B 106 30.10 -10.62 -16.52
C GLU B 106 30.55 -9.34 -17.25
N ASN B 107 29.73 -8.30 -17.22
CA ASN B 107 30.04 -7.05 -17.89
C ASN B 107 30.52 -5.98 -16.89
N LYS B 108 31.82 -5.63 -16.97
CA LYS B 108 32.48 -4.73 -16.00
C LYS B 108 32.14 -3.26 -16.22
N ASN B 109 31.61 -2.95 -17.40
CA ASN B 109 31.10 -1.63 -17.69
C ASN B 109 29.68 -1.43 -17.15
N SER B 110 28.96 -2.51 -16.92
CA SER B 110 27.67 -2.40 -16.23
C SER B 110 27.87 -1.86 -14.81
N TYR B 111 27.00 -0.96 -14.41
CA TYR B 111 27.04 -0.42 -13.08
C TYR B 111 25.63 -0.26 -12.47
N VAL B 112 25.44 -0.85 -11.28
CA VAL B 112 24.20 -0.74 -10.51
C VAL B 112 24.44 -0.33 -9.06
N ILE B 113 23.76 0.74 -8.65
CA ILE B 113 23.85 1.22 -7.28
C ILE B 113 22.46 1.41 -6.67
N GLY B 114 22.27 0.86 -5.46
CA GLY B 114 21.07 1.12 -4.67
C GLY B 114 21.38 2.10 -3.57
N LEU B 115 20.55 3.13 -3.45
CA LEU B 115 20.59 4.09 -2.34
C LEU B 115 19.39 3.88 -1.43
N GLU B 116 19.67 3.68 -0.15
CA GLU B 116 18.66 3.47 0.86
C GLU B 116 18.90 4.40 2.07
N ARG B 117 17.90 5.19 2.43
CA ARG B 117 18.08 6.18 3.52
C ARG B 117 18.13 5.55 4.89
N VAL B 118 17.48 4.40 5.02
CA VAL B 118 17.35 3.71 6.32
C VAL B 118 18.35 2.56 6.45
N LYS B 119 19.13 2.60 7.54
CA LYS B 119 20.25 1.71 7.70
C LYS B 119 19.84 0.26 7.88
N ASP B 120 18.75 0.02 8.61
CA ASP B 120 18.22 -1.33 8.79
C ASP B 120 17.73 -1.95 7.51
N LEU B 121 17.28 -1.12 6.58
CA LEU B 121 16.87 -1.62 5.29
C LEU B 121 18.06 -1.94 4.38
N VAL B 122 19.08 -1.08 4.41
CA VAL B 122 20.42 -1.43 3.86
C VAL B 122 20.85 -2.82 4.34
N ASN B 123 20.91 -3.00 5.66
CA ASN B 123 21.33 -4.26 6.21
C ASN B 123 20.38 -5.38 5.81
N PHE B 124 19.08 -5.09 5.79
CA PHE B 124 18.07 -6.07 5.35
C PHE B 124 18.30 -6.52 3.91
N SER B 125 18.56 -5.55 3.04
CA SER B 125 18.76 -5.84 1.61
C SER B 125 20.08 -6.60 1.42
N LEU B 126 21.12 -6.19 2.16
CA LEU B 126 22.41 -6.92 2.10
C LEU B 126 22.30 -8.37 2.64
N GLU B 127 21.45 -8.61 3.66
CA GLU B 127 21.23 -9.99 4.14
C GLU B 127 20.56 -10.82 3.04
N ASN B 128 19.54 -10.21 2.42
CA ASN B 128 18.75 -10.79 1.33
C ASN B 128 19.61 -11.19 0.14
N ILE B 129 20.53 -10.32 -0.25
CA ILE B 129 21.36 -10.57 -1.44
C ILE B 129 22.42 -11.65 -1.16
N LYS B 130 22.96 -11.62 0.06
CA LYS B 130 23.79 -12.72 0.55
C LYS B 130 23.11 -14.09 0.39
N ARG B 131 21.86 -14.23 0.85
CA ARG B 131 21.15 -15.52 0.75
C ARG B 131 20.75 -15.89 -0.68
N ASP B 132 20.55 -14.89 -1.54
CA ASP B 132 20.09 -15.15 -2.90
C ASP B 132 21.24 -15.29 -3.91
N LYS B 133 22.12 -14.28 -3.96
CA LYS B 133 23.18 -14.17 -4.97
C LYS B 133 24.43 -13.55 -4.34
N PRO B 134 25.14 -14.31 -3.48
CA PRO B 134 26.21 -13.71 -2.69
C PRO B 134 27.35 -13.19 -3.61
N GLU B 135 27.39 -13.69 -4.85
CA GLU B 135 28.34 -13.22 -5.84
C GLU B 135 28.27 -11.70 -6.08
N LEU B 136 27.07 -11.12 -5.97
CA LEU B 136 26.84 -9.68 -6.16
C LEU B 136 27.53 -8.74 -5.17
N LEU B 137 27.89 -9.20 -3.98
CA LEU B 137 28.54 -8.28 -3.03
C LEU B 137 30.05 -8.48 -3.00
N LYS B 138 30.54 -9.23 -3.98
CA LYS B 138 31.97 -9.45 -4.18
C LYS B 138 32.55 -8.61 -5.32
N ILE B 139 31.72 -7.78 -5.96
CA ILE B 139 32.13 -7.06 -7.18
C ILE B 139 32.11 -5.54 -7.05
N ASP B 140 32.87 -4.85 -7.90
CA ASP B 140 33.02 -3.40 -7.83
C ASP B 140 31.81 -2.66 -8.38
N ASN B 141 31.07 -3.31 -9.28
CA ASN B 141 30.03 -2.62 -10.03
C ASN B 141 28.58 -2.92 -9.57
N PHE B 142 28.44 -3.39 -8.33
CA PHE B 142 27.14 -3.52 -7.64
C PHE B 142 27.36 -3.04 -6.21
N LYS B 143 26.52 -2.10 -5.76
CA LYS B 143 26.60 -1.60 -4.40
C LYS B 143 25.22 -1.21 -3.87
N ILE B 144 25.02 -1.42 -2.58
CA ILE B 144 23.90 -0.85 -1.83
C ILE B 144 24.49 0.08 -0.78
N ILE B 145 24.16 1.36 -0.91
CA ILE B 145 24.70 2.44 -0.07
C ILE B 145 23.63 2.95 0.90
N HIS B 146 23.99 3.12 2.17
CA HIS B 146 23.18 3.89 3.12
C HIS B 146 23.31 5.38 2.80
N LYS B 147 22.27 5.97 2.22
CA LYS B 147 22.31 7.33 1.68
C LYS B 147 20.93 7.91 1.34
N ASN B 148 20.73 9.18 1.69
CA ASN B 148 19.58 9.94 1.27
C ASN B 148 19.90 10.69 -0.01
N ILE B 149 19.10 10.44 -1.05
CA ILE B 149 19.27 11.08 -2.34
C ILE B 149 19.31 12.62 -2.20
N TYR B 150 18.67 13.14 -1.16
CA TYR B 150 18.56 14.58 -0.92
C TYR B 150 19.80 15.16 -0.23
N GLN B 151 20.67 14.28 0.26
CA GLN B 151 21.90 14.72 0.95
C GLN B 151 23.17 14.35 0.18
N VAL B 152 23.05 14.30 -1.14
CA VAL B 152 24.14 14.01 -2.06
C VAL B 152 24.73 15.34 -2.52
N ASN B 153 25.85 15.74 -1.92
CA ASN B 153 26.49 17.02 -2.24
C ASN B 153 27.15 17.05 -3.62
N GLU B 154 27.70 18.21 -3.98
CA GLU B 154 28.28 18.45 -5.31
C GLU B 154 29.41 17.50 -5.68
N GLU B 155 30.23 17.15 -4.70
CA GLU B 155 31.38 16.28 -4.94
C GLU B 155 30.95 14.86 -5.24
N GLU B 156 30.12 14.29 -4.36
CA GLU B 156 29.54 12.97 -4.63
C GLU B 156 28.62 12.98 -5.85
N LYS B 157 27.93 14.10 -6.10
CA LYS B 157 27.14 14.23 -7.32
C LYS B 157 28.01 14.03 -8.55
N LYS B 158 29.12 14.77 -8.60
CA LYS B 158 30.10 14.64 -9.68
C LYS B 158 30.67 13.22 -9.75
N GLU B 159 30.92 12.60 -8.59
CA GLU B 159 31.52 11.27 -8.54
C GLU B 159 30.59 10.13 -8.94
N LEU B 160 29.28 10.32 -8.74
CA LEU B 160 28.28 9.33 -9.19
C LEU B 160 28.19 9.23 -10.70
N GLY B 161 28.53 10.31 -11.39
CA GLY B 161 28.38 10.32 -12.84
C GLY B 161 26.94 10.32 -13.32
N LEU B 162 26.72 9.74 -14.49
CA LEU B 162 25.45 9.79 -15.18
C LEU B 162 24.87 8.38 -15.31
N PHE B 163 23.55 8.33 -15.38
CA PHE B 163 22.83 7.08 -15.33
C PHE B 163 21.83 6.94 -16.46
N ASP B 164 21.87 5.80 -17.11
CA ASP B 164 20.95 5.52 -18.22
C ASP B 164 19.56 5.15 -17.70
N ALA B 165 19.51 4.66 -16.47
CA ALA B 165 18.24 4.33 -15.83
C ALA B 165 18.24 4.73 -14.36
N ILE B 166 17.16 5.42 -13.95
CA ILE B 166 17.00 5.85 -12.57
C ILE B 166 15.65 5.40 -12.08
N HIS B 167 15.64 4.55 -11.08
CA HIS B 167 14.38 4.12 -10.54
C HIS B 167 14.24 4.69 -9.15
N VAL B 168 13.09 5.33 -8.91
CA VAL B 168 12.83 5.91 -7.63
C VAL B 168 11.62 5.18 -7.09
N GLY B 169 11.78 4.49 -5.97
CA GLY B 169 10.71 3.66 -5.44
C GLY B 169 9.94 4.26 -4.28
N ALA B 170 9.90 5.60 -4.23
CA ALA B 170 9.21 6.34 -3.18
C ALA B 170 8.78 7.66 -3.80
N SER B 171 7.63 8.17 -3.33
CA SER B 171 6.99 9.34 -3.94
C SER B 171 7.62 10.65 -3.53
N ALA B 172 7.79 11.55 -4.51
CA ALA B 172 8.40 12.85 -4.27
C ALA B 172 7.37 13.98 -4.33
N SER B 173 7.45 14.87 -3.33
CA SER B 173 6.60 16.08 -3.30
C SER B 173 6.79 16.87 -4.58
N GLU B 174 8.02 16.87 -5.08
CA GLU B 174 8.33 17.43 -6.39
C GLU B 174 9.55 16.70 -6.99
N LEU B 175 9.71 16.81 -8.31
CA LEU B 175 10.84 16.22 -9.04
C LEU B 175 12.16 16.72 -8.48
N PRO B 176 12.97 15.82 -7.89
CA PRO B 176 14.26 16.28 -7.39
C PRO B 176 15.20 16.64 -8.55
N GLU B 177 15.72 17.86 -8.53
CA GLU B 177 16.57 18.35 -9.63
C GLU B 177 17.88 17.55 -9.73
N ILE B 178 18.36 17.02 -8.62
CA ILE B 178 19.50 16.09 -8.66
C ILE B 178 19.30 14.87 -9.56
N LEU B 179 18.09 14.32 -9.61
CA LEU B 179 17.83 13.14 -10.42
C LEU B 179 17.84 13.51 -11.90
N VAL B 180 17.36 14.71 -12.20
CA VAL B 180 17.46 15.29 -13.55
C VAL B 180 18.93 15.41 -13.99
N ASP B 181 19.78 15.82 -13.06
CA ASP B 181 21.20 16.02 -13.34
C ASP B 181 21.99 14.72 -13.35
N LEU B 182 21.42 13.67 -12.79
CA LEU B 182 22.10 12.39 -12.75
C LEU B 182 21.77 11.64 -14.00
N LEU B 183 20.77 12.14 -14.71
CA LEU B 183 20.24 11.49 -15.89
C LEU B 183 21.14 11.70 -17.11
N ALA B 184 21.49 10.60 -17.77
CA ALA B 184 22.25 10.62 -19.02
C ALA B 184 21.39 10.97 -20.22
N GLU B 185 22.02 11.52 -21.26
CA GLU B 185 21.35 11.62 -22.55
C GLU B 185 20.69 10.28 -22.93
N ASN B 186 19.41 10.33 -23.27
CA ASN B 186 18.62 9.14 -23.62
C ASN B 186 18.26 8.24 -22.43
N GLY B 187 18.68 8.65 -21.24
CA GLY B 187 18.34 7.93 -20.02
C GLY B 187 16.88 8.12 -19.63
N LYS B 188 16.31 7.09 -18.99
CA LYS B 188 14.95 7.15 -18.43
C LYS B 188 14.92 7.14 -16.90
N LEU B 189 14.06 7.99 -16.36
CA LEU B 189 13.84 8.13 -14.94
C LEU B 189 12.36 7.81 -14.68
N ILE B 190 12.12 6.84 -13.81
CA ILE B 190 10.78 6.46 -13.37
C ILE B 190 10.61 6.93 -11.93
N ILE B 191 9.60 7.74 -11.68
CA ILE B 191 9.48 8.37 -10.37
C ILE B 191 8.02 8.73 -10.01
N PRO B 192 7.57 8.42 -8.78
CA PRO B 192 6.25 8.95 -8.43
C PRO B 192 6.36 10.39 -7.94
N ILE B 193 5.49 11.28 -8.44
CA ILE B 193 5.45 12.67 -7.96
C ILE B 193 4.04 13.04 -7.43
N GLU B 194 3.99 13.47 -6.17
CA GLU B 194 2.78 14.03 -5.54
C GLU B 194 2.23 15.16 -6.40
N GLU B 195 1.10 14.92 -7.02
CA GLU B 195 0.48 15.91 -7.88
C GLU B 195 -0.97 16.07 -7.45
N ASP B 196 -1.21 17.16 -6.73
CA ASP B 196 -2.52 17.48 -6.13
C ASP B 196 -2.96 16.36 -5.18
N TYR B 197 -3.89 15.53 -5.63
CA TYR B 197 -4.52 14.54 -4.73
C TYR B 197 -4.18 13.11 -5.06
N THR B 198 -3.15 12.92 -5.88
CA THR B 198 -2.67 11.59 -6.19
C THR B 198 -1.15 11.62 -6.25
N GLN B 199 -0.55 10.42 -6.19
CA GLN B 199 0.86 10.25 -6.55
C GLN B 199 0.84 9.72 -7.97
N VAL B 200 1.54 10.40 -8.87
CA VAL B 200 1.56 10.05 -10.29
C VAL B 200 2.92 9.53 -10.72
N LEU B 201 2.92 8.36 -11.34
CA LEU B 201 4.15 7.80 -11.86
C LEU B 201 4.53 8.46 -13.17
N TYR B 202 5.69 9.12 -13.15
CA TYR B 202 6.25 9.81 -14.31
C TYR B 202 7.41 9.06 -14.94
N GLU B 203 7.45 9.10 -16.27
CA GLU B 203 8.65 8.69 -16.99
C GLU B 203 9.30 9.93 -17.60
N ILE B 204 10.54 10.18 -17.19
CA ILE B 204 11.28 11.34 -17.63
C ILE B 204 12.51 10.92 -18.44
N THR B 205 12.59 11.43 -19.67
CA THR B 205 13.71 11.15 -20.57
C THR B 205 14.51 12.42 -20.87
N LYS B 206 15.80 12.28 -21.16
CA LYS B 206 16.62 13.42 -21.61
C LYS B 206 16.90 13.29 -23.11
N LYS B 207 16.66 14.38 -23.85
CA LYS B 207 16.84 14.38 -25.33
C LYS B 207 17.68 15.53 -25.90
N ASN B 208 17.86 16.60 -25.12
CA ASN B 208 19.14 17.31 -25.13
C ASN B 208 19.62 17.47 -23.70
N GLY B 209 19.06 18.44 -22.99
CA GLY B 209 19.42 18.71 -21.60
C GLY B 209 18.23 18.94 -20.70
N ILE B 211 14.74 17.59 -21.27
CA ILE B 211 13.93 16.71 -20.42
C ILE B 211 12.49 16.68 -20.92
N ILE B 212 12.01 15.50 -21.30
CA ILE B 212 10.59 15.32 -21.66
C ILE B 212 9.86 14.50 -20.57
N LYS B 213 8.78 15.09 -20.06
CA LYS B 213 8.06 14.53 -18.93
C LYS B 213 6.80 13.82 -19.41
N ASP B 214 6.61 12.60 -18.93
CA ASP B 214 5.55 11.72 -19.44
C ASP B 214 4.71 11.22 -18.26
N ARG B 215 3.50 11.75 -18.16
CA ARG B 215 2.57 11.44 -17.09
C ARG B 215 1.97 10.05 -17.34
N LEU B 216 2.23 9.10 -16.45
CA LEU B 216 1.80 7.73 -16.72
C LEU B 216 0.43 7.45 -16.12
N PHE B 217 0.38 7.23 -14.81
CA PHE B 217 -0.88 6.99 -14.11
C PHE B 217 -0.68 7.11 -12.61
N ASP B 218 -1.79 7.05 -11.86
CA ASP B 218 -1.76 7.16 -10.43
C ASP B 218 -1.24 5.89 -9.78
N VAL B 219 -0.46 6.08 -8.72
CA VAL B 219 0.17 4.98 -8.00
C VAL B 219 0.10 5.25 -6.50
N CYS B 220 0.53 4.26 -5.72
CA CYS B 220 0.62 4.36 -4.28
C CYS B 220 2.00 3.87 -3.84
N PHE B 221 2.87 4.82 -3.51
CA PHE B 221 4.20 4.53 -2.98
C PHE B 221 4.32 5.16 -1.63
N VAL B 222 5.23 4.66 -0.82
CA VAL B 222 5.65 5.35 0.40
C VAL B 222 6.41 6.61 -0.03
N SER B 223 6.49 7.60 0.85
CA SER B 223 7.07 8.88 0.45
C SER B 223 8.62 8.89 0.47
N LEU B 224 9.18 9.66 -0.45
CA LEU B 224 10.61 9.97 -0.46
C LEU B 224 10.89 11.09 0.55
N LYS B 225 11.36 10.70 1.75
CA LYS B 225 11.67 11.61 2.86
C LYS B 225 12.94 12.45 2.63
N LYS B 226 12.78 13.76 2.78
CA LYS B 226 13.87 14.73 2.68
C LYS B 226 14.81 14.73 3.89
N ASN B 227 14.30 14.32 5.04
CA ASN B 227 15.16 14.25 6.22
C ASN B 227 15.23 12.82 6.75
N SAH C . -9.72 0.84 8.49
CA SAH C . -8.31 1.08 8.93
CB SAH C . -7.42 0.02 8.33
CG SAH C . -6.12 -0.03 9.11
SD SAH C . -5.01 -1.29 8.47
C SAH C . -7.80 2.48 8.58
O SAH C . -8.02 2.93 7.46
OXT SAH C . -7.18 3.17 9.43
C5' SAH C . -5.83 -2.71 9.22
C4' SAH C . -5.85 -2.76 10.74
O4' SAH C . -6.22 -4.06 11.10
C3' SAH C . -4.53 -2.49 11.45
O3' SAH C . -4.70 -1.37 12.32
C2' SAH C . -4.23 -3.77 12.22
O2' SAH C . -3.64 -3.52 13.47
C1' SAH C . -5.61 -4.37 12.35
N9 SAH C . -5.67 -5.83 12.50
C8 SAH C . -4.87 -6.75 11.87
N7 SAH C . -5.28 -7.98 12.25
C5 SAH C . -6.30 -7.88 13.12
C6 SAH C . -7.06 -8.84 13.81
N6 SAH C . -6.85 -10.14 13.70
N1 SAH C . -8.09 -8.41 14.61
C2 SAH C . -8.34 -7.06 14.76
N3 SAH C . -7.58 -6.16 14.08
C4 SAH C . -6.57 -6.54 13.26
N SAH D . 12.08 -0.76 -4.40
CA SAH D . 11.88 -0.97 -2.94
CB SAH D . 10.90 0.06 -2.45
CG SAH D . 11.02 0.21 -0.93
SD SAH D . 9.78 1.36 -0.31
C SAH D . 11.35 -2.37 -2.58
O SAH D . 10.46 -2.87 -3.28
OXT SAH D . 11.79 -3.01 -1.60
C5' SAH D . 10.71 2.87 -0.66
C4' SAH D . 12.09 2.90 -0.01
O4' SAH D . 12.60 4.18 -0.23
C3' SAH D . 12.10 2.67 1.49
O3' SAH D . 12.92 1.56 1.84
C2' SAH D . 12.58 3.99 2.08
O2' SAH D . 13.37 3.83 3.24
C1' SAH D . 13.35 4.58 0.93
N9 SAH D . 13.51 6.06 0.94
C8 SAH D . 12.57 7.02 1.24
N7 SAH D . 13.13 8.24 1.07
C5 SAH D . 14.41 8.08 0.67
C6 SAH D . 15.45 8.98 0.37
N6 SAH D . 15.27 10.29 0.46
N1 SAH D . 16.66 8.49 -0.04
C2 SAH D . 16.88 7.13 -0.16
N3 SAH D . 15.87 6.27 0.16
C4 SAH D . 14.65 6.73 0.57
#